data_2YKT
#
_entry.id   2YKT
#
_cell.length_a   88.354
_cell.length_b   187.362
_cell.length_c   36.806
_cell.angle_alpha   90.00
_cell.angle_beta   90.00
_cell.angle_gamma   90.00
#
_symmetry.space_group_name_H-M   'C 2 2 21'
#
loop_
_entity.id
_entity.type
_entity.pdbx_description
1 polymer 'BRAIN-SPECIFIC ANGIOGENESIS INHIBITOR 1-ASSOCIATED PROTEIN 2'
2 polymer 'TRANSLOCATED INTIMIN RECEPTOR PROTEIN'
3 non-polymer 'SULFATE ION'
4 water water
#
loop_
_entity_poly.entity_id
_entity_poly.type
_entity_poly.pdbx_seq_one_letter_code
_entity_poly.pdbx_strand_id
1 'polypeptide(L)'
;GSTMSLSRSEEMHRLTENVYKTIMEQFNPSLRNFIAMGKNYEKALAGVTYAAKGYFDALVKMGELASESQGSKELGDVLF
QMAEVHRQIQNQLEEMLKSFHNELLTQLEQKVELDSRYLSAALKKYQTEQRSKGDALDKCQAELKKLRKKSQGSKNPQKY
SDKELQYIDAISNKQGELENYVSDGYKTALTEERRRFCFLVEKQCAVAKNSAAYHSKGKELLAQKLPLWQQACADPSKIP
ERAVQLMQQVASN
;
A
2 'polypeptide(L)' GTVQNPYADVKT(NH2) B
#
loop_
_chem_comp.id
_chem_comp.type
_chem_comp.name
_chem_comp.formula
NH2 non-polymer 'AMINO GROUP' 'H2 N'
SO4 non-polymer 'SULFATE ION' 'O4 S -2'
#
# COMPACT_ATOMS: atom_id res chain seq x y z
N SER A 7 -21.89 28.22 -1.18
CA SER A 7 -22.53 27.25 -2.10
C SER A 7 -21.62 26.16 -2.75
N ARG A 8 -20.56 26.57 -3.46
CA ARG A 8 -19.45 25.70 -3.91
C ARG A 8 -18.89 24.90 -2.71
N SER A 9 -19.13 25.47 -1.52
CA SER A 9 -18.88 24.89 -0.20
C SER A 9 -19.64 23.56 -0.04
N GLU A 10 -20.96 23.61 -0.33
CA GLU A 10 -21.76 22.38 -0.32
C GLU A 10 -21.32 21.34 -1.38
N GLU A 11 -20.85 21.81 -2.53
CA GLU A 11 -20.35 20.89 -3.52
C GLU A 11 -19.09 20.19 -2.97
N MET A 12 -18.31 20.94 -2.19
CA MET A 12 -17.05 20.46 -1.70
C MET A 12 -17.31 19.51 -0.51
N HIS A 13 -18.34 19.85 0.23
CA HIS A 13 -18.76 19.00 1.31
C HIS A 13 -19.18 17.58 0.85
N ARG A 14 -19.91 17.51 -0.25
CA ARG A 14 -20.32 16.23 -0.83
C ARG A 14 -19.11 15.48 -1.42
N LEU A 15 -18.14 16.21 -1.99
CA LEU A 15 -16.99 15.55 -2.59
C LEU A 15 -16.26 14.82 -1.49
N THR A 16 -16.22 15.44 -0.31
CA THR A 16 -15.41 15.01 0.82
C THR A 16 -15.96 13.68 1.44
N GLU A 17 -17.27 13.71 1.69
CA GLU A 17 -18.09 12.54 1.97
C GLU A 17 -17.86 11.47 0.95
N ASN A 18 -17.86 11.79 -0.33
CA ASN A 18 -17.57 10.76 -1.29
C ASN A 18 -16.16 10.15 -1.18
N VAL A 19 -15.12 10.92 -0.77
CA VAL A 19 -13.75 10.33 -0.75
C VAL A 19 -13.70 9.27 0.38
N TYR A 20 -14.24 9.64 1.55
CA TYR A 20 -14.28 8.69 2.67
C TYR A 20 -15.05 7.45 2.29
N LYS A 21 -16.21 7.62 1.63
CA LYS A 21 -17.01 6.47 1.16
C LYS A 21 -16.19 5.61 0.13
N THR A 22 -15.45 6.26 -0.77
CA THR A 22 -14.65 5.54 -1.72
C THR A 22 -13.54 4.70 -1.00
N ILE A 23 -12.89 5.28 -0.01
CA ILE A 23 -11.81 4.55 0.74
C ILE A 23 -12.42 3.34 1.49
N MET A 24 -13.53 3.56 2.16
CA MET A 24 -14.18 2.50 2.96
C MET A 24 -14.90 1.43 2.16
N GLU A 25 -15.47 1.76 1.02
CA GLU A 25 -16.22 0.75 0.29
C GLU A 25 -15.53 0.29 -0.97
N GLN A 26 -14.53 1.00 -1.47
CA GLN A 26 -13.84 0.48 -2.64
C GLN A 26 -12.36 0.08 -2.34
N PHE A 27 -11.62 0.99 -1.76
CA PHE A 27 -10.19 0.81 -1.58
C PHE A 27 -9.92 -0.34 -0.59
N ASN A 28 -10.49 -0.25 0.60
CA ASN A 28 -10.19 -1.21 1.62
C ASN A 28 -10.70 -2.60 1.29
N PRO A 29 -11.93 -2.73 0.69
CA PRO A 29 -12.25 -4.08 0.20
C PRO A 29 -11.35 -4.65 -0.91
N SER A 30 -10.99 -3.83 -1.91
CA SER A 30 -10.01 -4.23 -2.87
C SER A 30 -8.65 -4.56 -2.23
N LEU A 31 -8.27 -3.84 -1.20
CA LEU A 31 -7.06 -4.15 -0.51
C LEU A 31 -7.19 -5.52 0.20
N ARG A 32 -8.34 -5.81 0.82
CA ARG A 32 -8.61 -7.13 1.38
C ARG A 32 -8.41 -8.19 0.29
N ASN A 33 -9.01 -7.97 -0.87
CA ASN A 33 -8.79 -8.93 -1.95
C ASN A 33 -7.33 -9.07 -2.42
N PHE A 34 -6.60 -7.95 -2.46
CA PHE A 34 -5.23 -8.02 -2.87
C PHE A 34 -4.42 -8.87 -1.86
N ILE A 35 -4.68 -8.67 -0.58
CA ILE A 35 -4.02 -9.45 0.49
C ILE A 35 -4.33 -10.95 0.30
N ALA A 36 -5.60 -11.30 0.00
CA ALA A 36 -5.91 -12.69 -0.26
C ALA A 36 -5.21 -13.28 -1.51
N MET A 37 -5.12 -12.52 -2.62
CA MET A 37 -4.33 -13.00 -3.71
C MET A 37 -2.84 -13.19 -3.36
N GLY A 38 -2.31 -12.31 -2.52
CA GLY A 38 -0.92 -12.34 -2.15
C GLY A 38 -0.63 -13.59 -1.37
N LYS A 39 -1.55 -13.93 -0.46
CA LYS A 39 -1.49 -15.19 0.29
C LYS A 39 -1.52 -16.44 -0.57
N ASN A 40 -2.44 -16.49 -1.52
CA ASN A 40 -2.47 -17.56 -2.50
C ASN A 40 -1.16 -17.62 -3.27
N TYR A 41 -0.64 -16.46 -3.64
CA TYR A 41 0.53 -16.40 -4.44
C TYR A 41 1.72 -17.02 -3.69
N GLU A 42 1.83 -16.70 -2.40
CA GLU A 42 2.88 -17.19 -1.56
C GLU A 42 2.69 -18.68 -1.19
N LYS A 43 1.46 -19.15 -1.03
CA LYS A 43 1.22 -20.58 -0.97
C LYS A 43 1.69 -21.31 -2.23
N ALA A 44 1.35 -20.77 -3.41
CA ALA A 44 1.87 -21.33 -4.64
C ALA A 44 3.42 -21.32 -4.64
N LEU A 45 4.03 -20.20 -4.25
CA LEU A 45 5.48 -19.99 -4.43
C LEU A 45 6.22 -20.97 -3.52
N ALA A 46 5.59 -21.29 -2.42
CA ALA A 46 6.08 -22.34 -1.57
C ALA A 46 6.02 -23.70 -2.25
N GLY A 47 4.94 -24.04 -2.96
CA GLY A 47 4.88 -25.28 -3.74
C GLY A 47 6.06 -25.47 -4.70
N VAL A 48 6.48 -24.37 -5.35
CA VAL A 48 7.48 -24.35 -6.39
C VAL A 48 8.88 -24.43 -5.85
N THR A 49 9.10 -23.74 -4.72
CA THR A 49 10.34 -23.93 -3.97
C THR A 49 10.48 -25.38 -3.55
N TYR A 50 9.43 -25.96 -3.00
CA TYR A 50 9.53 -27.34 -2.57
C TYR A 50 9.89 -28.24 -3.78
N ALA A 51 9.06 -28.27 -4.82
CA ALA A 51 9.30 -29.14 -5.97
C ALA A 51 10.65 -28.91 -6.68
N ALA A 52 11.17 -27.69 -6.59
CA ALA A 52 12.50 -27.34 -7.10
C ALA A 52 13.55 -28.13 -6.35
N LYS A 53 13.34 -28.26 -5.05
CA LYS A 53 14.08 -29.18 -4.21
C LYS A 53 14.17 -30.61 -4.76
N GLY A 54 13.02 -31.24 -4.99
CA GLY A 54 12.97 -32.64 -5.41
C GLY A 54 13.64 -32.81 -6.77
N TYR A 55 13.44 -31.84 -7.66
CA TYR A 55 14.15 -31.82 -8.92
C TYR A 55 15.64 -31.92 -8.65
N PHE A 56 16.17 -30.99 -7.89
CA PHE A 56 17.61 -30.78 -7.90
C PHE A 56 18.37 -31.87 -7.11
N ASP A 57 17.72 -32.47 -6.11
CA ASP A 57 18.11 -33.77 -5.57
C ASP A 57 18.12 -34.97 -6.53
N ALA A 58 17.09 -35.10 -7.36
CA ALA A 58 17.12 -36.09 -8.42
C ALA A 58 18.23 -35.78 -9.43
N LEU A 59 18.55 -34.53 -9.65
CA LEU A 59 19.66 -34.21 -10.52
C LEU A 59 21.07 -34.49 -9.86
N VAL A 60 21.21 -34.29 -8.56
CA VAL A 60 22.47 -34.67 -7.80
C VAL A 60 22.61 -36.20 -7.75
N LYS A 61 21.50 -36.90 -7.64
CA LYS A 61 21.61 -38.35 -7.80
C LYS A 61 22.32 -38.77 -9.15
N MET A 62 22.00 -38.08 -10.27
CA MET A 62 22.52 -38.47 -11.57
C MET A 62 23.98 -38.07 -11.55
N GLY A 63 24.25 -36.93 -10.96
CA GLY A 63 25.62 -36.48 -10.71
C GLY A 63 26.48 -37.55 -10.00
N GLU A 64 25.96 -38.13 -8.92
CA GLU A 64 26.70 -39.15 -8.11
C GLU A 64 27.03 -40.36 -8.96
N LEU A 65 26.07 -40.79 -9.77
CA LEU A 65 26.30 -41.87 -10.75
C LEU A 65 27.41 -41.59 -11.75
N ALA A 66 27.40 -40.42 -12.41
CA ALA A 66 28.50 -40.08 -13.32
C ALA A 66 29.87 -40.07 -12.56
N SER A 67 29.83 -39.56 -11.33
CA SER A 67 31.02 -39.39 -10.51
C SER A 67 31.75 -40.68 -10.27
N GLU A 68 31.02 -41.78 -10.26
CA GLU A 68 31.52 -43.11 -9.95
C GLU A 68 31.93 -43.93 -11.18
N SER A 69 31.75 -43.38 -12.38
CA SER A 69 31.97 -44.11 -13.65
C SER A 69 33.39 -43.87 -14.15
N GLN A 70 33.84 -44.69 -15.10
CA GLN A 70 35.03 -44.37 -15.90
C GLN A 70 34.61 -43.55 -17.11
N GLY A 71 35.14 -42.35 -17.22
CA GLY A 71 35.02 -41.56 -18.42
C GLY A 71 33.89 -40.55 -18.44
N SER A 72 33.08 -40.51 -17.41
CA SER A 72 32.05 -39.49 -17.31
C SER A 72 32.12 -38.67 -16.01
N LYS A 73 33.17 -38.83 -15.25
CA LYS A 73 33.32 -38.07 -14.00
C LYS A 73 33.09 -36.57 -14.08
N GLU A 74 33.67 -35.90 -15.08
CA GLU A 74 33.49 -34.48 -15.16
C GLU A 74 32.06 -34.09 -15.54
N LEU A 75 31.30 -35.01 -16.14
CA LEU A 75 29.87 -34.73 -16.32
C LEU A 75 29.22 -34.80 -14.94
N GLY A 76 29.78 -35.61 -14.06
CA GLY A 76 29.28 -35.65 -12.68
C GLY A 76 29.47 -34.26 -12.09
N ASP A 77 30.65 -33.68 -12.28
CA ASP A 77 30.92 -32.33 -11.78
C ASP A 77 30.00 -31.29 -12.34
N VAL A 78 29.73 -31.35 -13.65
CA VAL A 78 28.82 -30.43 -14.27
C VAL A 78 27.45 -30.46 -13.59
N LEU A 79 26.88 -31.64 -13.44
CA LEU A 79 25.56 -31.78 -12.83
C LEU A 79 25.52 -31.25 -11.36
N PHE A 80 26.63 -31.46 -10.61
CA PHE A 80 26.79 -30.89 -9.24
C PHE A 80 26.76 -29.42 -9.28
N GLN A 81 27.47 -28.83 -10.23
CA GLN A 81 27.45 -27.41 -10.31
C GLN A 81 26.07 -26.83 -10.69
N MET A 82 25.28 -27.59 -11.45
CA MET A 82 23.95 -27.05 -11.93
C MET A 82 23.02 -27.01 -10.74
N ALA A 83 23.04 -28.08 -9.95
CA ALA A 83 22.30 -28.09 -8.71
C ALA A 83 22.78 -26.96 -7.77
N GLU A 84 24.10 -26.79 -7.63
CA GLU A 84 24.62 -25.74 -6.76
C GLU A 84 24.13 -24.33 -7.21
N VAL A 85 24.28 -24.04 -8.50
CA VAL A 85 23.81 -22.77 -9.02
C VAL A 85 22.33 -22.55 -8.67
N HIS A 86 21.54 -23.62 -8.79
CA HIS A 86 20.14 -23.51 -8.44
C HIS A 86 19.92 -23.28 -6.94
N ARG A 87 20.74 -23.90 -6.06
CA ARG A 87 20.61 -23.60 -4.63
CA ARG A 87 20.63 -23.62 -4.62
C ARG A 87 20.91 -22.13 -4.34
N GLN A 88 21.94 -21.57 -4.98
CA GLN A 88 22.24 -20.15 -4.82
C GLN A 88 21.13 -19.20 -5.39
N ILE A 89 20.49 -19.62 -6.49
CA ILE A 89 19.45 -18.80 -7.12
C ILE A 89 18.22 -18.88 -6.24
N GLN A 90 17.88 -20.09 -5.82
CA GLN A 90 16.71 -20.32 -5.00
C GLN A 90 16.76 -19.46 -3.73
N ASN A 91 17.91 -19.40 -3.10
CA ASN A 91 17.92 -18.70 -1.82
C ASN A 91 17.92 -17.17 -1.95
N GLN A 92 18.34 -16.63 -3.15
CA GLN A 92 18.04 -15.26 -3.50
C GLN A 92 16.54 -15.05 -3.83
N LEU A 93 15.87 -16.12 -4.28
CA LEU A 93 14.41 -16.10 -4.35
C LEU A 93 13.70 -16.18 -2.98
N GLU A 94 14.17 -17.03 -2.06
CA GLU A 94 13.56 -17.13 -0.72
C GLU A 94 13.70 -15.80 0.01
N GLU A 95 14.74 -15.06 -0.36
CA GLU A 95 14.91 -13.71 0.14
C GLU A 95 13.79 -12.80 -0.36
N MET A 96 13.58 -12.74 -1.68
CA MET A 96 12.48 -11.94 -2.24
C MET A 96 11.13 -12.38 -1.61
N LEU A 97 11.00 -13.68 -1.34
CA LEU A 97 9.81 -14.27 -0.73
C LEU A 97 9.46 -13.73 0.64
N LYS A 98 10.45 -13.53 1.49
CA LYS A 98 10.18 -12.98 2.84
C LYS A 98 10.02 -11.45 2.83
N SER A 99 10.63 -10.79 1.85
CA SER A 99 10.29 -9.41 1.61
C SER A 99 8.79 -9.35 1.31
N PHE A 100 8.18 -10.50 1.00
CA PHE A 100 6.80 -10.48 0.52
C PHE A 100 5.86 -10.71 1.68
N HIS A 101 6.28 -11.54 2.61
CA HIS A 101 5.47 -11.92 3.76
C HIS A 101 5.52 -10.95 4.94
N ASN A 102 6.72 -10.61 5.37
CA ASN A 102 6.93 -9.83 6.59
C ASN A 102 6.86 -8.35 6.29
N GLU A 103 7.24 -8.02 5.07
CA GLU A 103 7.39 -6.65 4.66
C GLU A 103 6.20 -6.17 3.80
N LEU A 104 5.35 -7.06 3.27
CA LEU A 104 4.23 -6.54 2.42
C LEU A 104 2.87 -7.00 2.96
N LEU A 105 2.67 -8.32 3.02
CA LEU A 105 1.38 -8.90 3.44
C LEU A 105 1.08 -8.60 4.88
N THR A 106 2.06 -8.74 5.75
CA THR A 106 1.85 -8.43 7.13
C THR A 106 1.57 -6.95 7.37
N GLN A 107 2.33 -6.08 6.76
CA GLN A 107 2.12 -4.69 7.05
C GLN A 107 0.79 -4.20 6.44
N LEU A 108 0.38 -4.72 5.29
CA LEU A 108 -0.94 -4.32 4.73
C LEU A 108 -2.05 -4.79 5.66
N GLU A 109 -1.99 -6.02 6.12
CA GLU A 109 -3.02 -6.60 7.00
C GLU A 109 -3.16 -5.81 8.29
N GLN A 110 -2.02 -5.44 8.84
CA GLN A 110 -1.93 -4.59 10.00
C GLN A 110 -2.59 -3.17 9.81
N LYS A 111 -2.34 -2.50 8.70
CA LYS A 111 -2.96 -1.23 8.51
C LYS A 111 -4.51 -1.35 8.24
N VAL A 112 -4.88 -2.29 7.36
CA VAL A 112 -6.26 -2.35 6.94
C VAL A 112 -7.15 -2.74 8.17
N GLU A 113 -6.59 -3.55 9.10
CA GLU A 113 -7.29 -3.92 10.33
C GLU A 113 -7.70 -2.70 11.15
N LEU A 114 -6.79 -1.75 11.34
CA LEU A 114 -7.09 -0.61 12.20
C LEU A 114 -7.90 0.47 11.45
N ASP A 115 -8.00 0.36 10.13
CA ASP A 115 -8.42 1.50 9.29
C ASP A 115 -9.94 1.59 9.24
N SER A 116 -10.61 0.48 9.54
CA SER A 116 -12.05 0.42 9.55
C SER A 116 -12.62 1.40 10.57
N ARG A 117 -12.23 1.16 11.83
CA ARG A 117 -12.55 2.06 12.92
CA ARG A 117 -12.48 2.04 12.97
C ARG A 117 -12.05 3.47 12.64
N TYR A 118 -10.77 3.64 12.27
CA TYR A 118 -10.20 4.98 12.03
C TYR A 118 -11.08 5.76 11.00
N LEU A 119 -11.37 5.17 9.83
CA LEU A 119 -12.15 5.92 8.82
C LEU A 119 -13.63 6.18 9.18
N SER A 120 -14.26 5.22 9.86
CA SER A 120 -15.64 5.41 10.35
C SER A 120 -15.66 6.58 11.33
N ALA A 121 -14.72 6.56 12.27
CA ALA A 121 -14.62 7.69 13.19
C ALA A 121 -14.30 9.07 12.52
N ALA A 122 -13.34 9.14 11.57
CA ALA A 122 -12.94 10.41 10.96
C ALA A 122 -14.14 11.01 10.18
N LEU A 123 -14.75 10.21 9.32
CA LEU A 123 -15.86 10.69 8.55
C LEU A 123 -16.93 11.18 9.51
N LYS A 124 -17.20 10.40 10.55
CA LYS A 124 -18.28 10.77 11.43
C LYS A 124 -18.02 12.08 12.18
N LYS A 125 -16.81 12.22 12.76
CA LYS A 125 -16.37 13.46 13.36
C LYS A 125 -16.47 14.65 12.36
N TYR A 126 -16.05 14.44 11.11
CA TYR A 126 -16.16 15.50 10.16
C TYR A 126 -17.64 15.93 9.91
N GLN A 127 -18.53 14.96 9.67
CA GLN A 127 -19.93 15.19 9.43
C GLN A 127 -20.58 15.97 10.56
N THR A 128 -20.31 15.56 11.80
CA THR A 128 -20.83 16.23 13.02
C THR A 128 -20.33 17.66 13.15
N GLU A 129 -19.01 17.86 13.07
CA GLU A 129 -18.47 19.22 13.08
C GLU A 129 -19.03 20.10 11.95
N GLN A 130 -19.05 19.65 10.70
CA GLN A 130 -19.57 20.43 9.58
C GLN A 130 -21.06 20.82 9.74
N ARG A 131 -21.88 19.87 10.21
CA ARG A 131 -23.32 20.12 10.51
C ARG A 131 -23.47 21.09 11.68
N SER A 132 -22.70 20.94 12.74
CA SER A 132 -22.77 21.88 13.85
C SER A 132 -22.37 23.34 13.50
N LYS A 133 -21.44 23.54 12.57
CA LYS A 133 -21.01 24.88 12.13
C LYS A 133 -22.08 25.45 11.20
N GLY A 134 -22.67 24.60 10.36
CA GLY A 134 -23.75 24.98 9.44
C GLY A 134 -24.97 25.46 10.19
N ASP A 135 -25.36 24.68 11.20
CA ASP A 135 -26.51 24.98 12.05
C ASP A 135 -26.33 26.33 12.78
N ALA A 136 -25.16 26.51 13.36
CA ALA A 136 -24.90 27.74 14.08
C ALA A 136 -24.94 28.94 13.08
N LEU A 137 -24.33 28.81 11.92
CA LEU A 137 -24.43 29.87 10.96
C LEU A 137 -25.89 30.17 10.58
N ASP A 138 -26.64 29.17 10.11
CA ASP A 138 -28.05 29.39 9.72
C ASP A 138 -28.84 30.16 10.78
N LYS A 139 -28.63 29.80 12.07
CA LYS A 139 -29.34 30.39 13.22
C LYS A 139 -28.93 31.86 13.53
N CYS A 140 -27.62 32.19 13.38
CA CYS A 140 -27.16 33.58 13.46
C CYS A 140 -27.86 34.38 12.39
N GLN A 141 -27.82 33.88 11.13
CA GLN A 141 -28.49 34.48 9.95
C GLN A 141 -29.97 34.71 10.09
N ALA A 142 -30.66 33.76 10.72
CA ALA A 142 -32.09 33.90 11.00
C ALA A 142 -32.33 35.00 12.04
N GLU A 143 -31.52 35.03 13.09
CA GLU A 143 -31.61 36.08 14.11
C GLU A 143 -31.47 37.44 13.46
N LEU A 144 -30.47 37.58 12.58
CA LEU A 144 -30.27 38.82 11.85
C LEU A 144 -31.47 39.17 10.99
N LYS A 145 -32.01 38.19 10.27
CA LYS A 145 -33.11 38.47 9.33
C LYS A 145 -34.33 38.99 10.08
N LYS A 146 -34.54 38.45 11.28
CA LYS A 146 -35.53 38.93 12.26
C LYS A 146 -35.40 40.41 12.68
N LEU A 147 -34.22 40.83 13.15
CA LEU A 147 -33.92 42.25 13.45
C LEU A 147 -34.16 43.18 12.26
N ARG A 148 -33.68 42.72 11.12
CA ARG A 148 -33.58 43.46 9.87
C ARG A 148 -34.95 43.59 9.15
N LYS A 149 -35.85 42.64 9.41
CA LYS A 149 -37.21 42.69 8.87
C LYS A 149 -38.11 43.65 9.71
N LYS A 150 -38.14 43.48 11.05
CA LYS A 150 -38.85 44.39 12.01
C LYS A 150 -37.96 44.80 13.18
N PRO A 157 -30.57 50.09 5.23
CA PRO A 157 -29.78 49.94 3.99
C PRO A 157 -28.23 49.97 4.25
N GLN A 158 -27.77 51.20 4.44
CA GLN A 158 -26.43 51.62 4.65
C GLN A 158 -26.41 52.05 6.14
N LYS A 159 -27.37 51.50 6.91
CA LYS A 159 -27.60 51.84 8.29
C LYS A 159 -27.72 50.54 9.05
N TYR A 160 -26.96 50.44 10.14
CA TYR A 160 -27.02 49.27 11.00
C TYR A 160 -27.09 49.72 12.42
N SER A 161 -27.98 49.09 13.19
CA SER A 161 -27.98 49.24 14.65
C SER A 161 -26.74 48.52 15.23
N ASP A 162 -26.42 48.86 16.47
CA ASP A 162 -25.34 48.21 17.20
C ASP A 162 -25.49 46.67 17.20
N LYS A 163 -26.67 46.18 17.59
CA LYS A 163 -26.88 44.75 17.58
C LYS A 163 -26.91 44.14 16.17
N GLU A 164 -27.51 44.78 15.18
CA GLU A 164 -27.37 44.28 13.80
C GLU A 164 -25.90 44.10 13.36
N LEU A 165 -25.03 45.04 13.74
CA LEU A 165 -23.64 44.96 13.28
C LEU A 165 -22.95 43.81 14.04
N GLN A 166 -23.30 43.61 15.30
CA GLN A 166 -22.68 42.49 16.06
C GLN A 166 -23.02 41.11 15.40
N TYR A 167 -24.24 40.99 14.91
CA TYR A 167 -24.69 39.78 14.21
C TYR A 167 -23.94 39.67 12.91
N ILE A 168 -23.75 40.79 12.25
CA ILE A 168 -22.99 40.76 11.01
C ILE A 168 -21.54 40.30 11.20
N ASP A 169 -20.88 40.81 12.21
CA ASP A 169 -19.54 40.35 12.54
C ASP A 169 -19.58 38.84 12.81
N ALA A 170 -20.51 38.37 13.65
CA ALA A 170 -20.57 36.96 14.02
C ALA A 170 -20.86 36.05 12.84
N ILE A 171 -21.77 36.44 11.95
CA ILE A 171 -22.04 35.64 10.77
C ILE A 171 -20.79 35.53 9.89
N SER A 172 -20.09 36.67 9.76
CA SER A 172 -18.90 36.68 8.93
C SER A 172 -17.84 35.77 9.54
N ASN A 173 -17.71 35.75 10.85
CA ASN A 173 -16.72 34.87 11.46
CA ASN A 173 -16.72 34.88 11.49
C ASN A 173 -17.06 33.39 11.27
N LYS A 174 -18.33 33.04 11.50
CA LYS A 174 -18.80 31.64 11.39
C LYS A 174 -18.78 31.12 9.96
N GLN A 175 -19.12 31.97 9.00
CA GLN A 175 -19.07 31.62 7.64
C GLN A 175 -17.65 31.40 7.19
N GLY A 176 -16.72 32.25 7.60
CA GLY A 176 -15.29 32.03 7.33
C GLY A 176 -14.84 30.70 7.96
N GLU A 177 -15.32 30.41 9.18
CA GLU A 177 -14.92 29.19 9.94
CA GLU A 177 -14.89 29.21 9.90
C GLU A 177 -15.44 27.94 9.23
N LEU A 178 -16.67 28.02 8.74
CA LEU A 178 -17.30 26.90 8.05
C LEU A 178 -16.54 26.64 6.75
N GLU A 179 -16.25 27.69 5.96
CA GLU A 179 -15.62 27.48 4.66
C GLU A 179 -14.22 26.91 4.77
N ASN A 180 -13.45 27.39 5.74
CA ASN A 180 -12.13 26.84 6.02
C ASN A 180 -12.27 25.36 6.46
N TYR A 181 -13.30 25.04 7.19
CA TYR A 181 -13.45 23.70 7.72
C TYR A 181 -13.68 22.75 6.57
N VAL A 182 -14.62 23.05 5.70
CA VAL A 182 -14.86 22.30 4.51
C VAL A 182 -13.66 22.29 3.54
N SER A 183 -13.00 23.43 3.33
CA SER A 183 -11.80 23.44 2.51
C SER A 183 -10.71 22.50 3.07
N ASP A 184 -10.33 22.66 4.33
CA ASP A 184 -9.33 21.77 4.92
C ASP A 184 -9.79 20.29 4.96
N GLY A 185 -11.11 20.06 5.13
CA GLY A 185 -11.67 18.71 5.27
C GLY A 185 -11.52 17.97 3.95
N TYR A 186 -11.64 18.69 2.85
CA TYR A 186 -11.46 18.13 1.53
C TYR A 186 -9.98 17.80 1.23
N LYS A 187 -9.11 18.72 1.58
CA LYS A 187 -7.69 18.47 1.41
C LYS A 187 -7.24 17.24 2.22
N THR A 188 -7.76 17.13 3.43
CA THR A 188 -7.39 16.07 4.35
C THR A 188 -7.90 14.75 3.78
N ALA A 189 -9.14 14.71 3.33
CA ALA A 189 -9.64 13.48 2.70
C ALA A 189 -8.80 13.02 1.48
N LEU A 190 -8.39 13.93 0.60
CA LEU A 190 -7.66 13.55 -0.58
C LEU A 190 -6.29 13.02 -0.15
N THR A 191 -5.77 13.59 0.93
CA THR A 191 -4.45 13.20 1.52
C THR A 191 -4.53 11.79 2.20
N GLU A 192 -5.62 11.49 2.92
CA GLU A 192 -5.89 10.13 3.40
C GLU A 192 -5.88 9.05 2.25
N GLU A 193 -6.46 9.40 1.11
CA GLU A 193 -6.49 8.54 -0.08
C GLU A 193 -5.12 8.36 -0.64
N ARG A 194 -4.34 9.48 -0.72
CA ARG A 194 -3.05 9.40 -1.35
C ARG A 194 -2.01 8.62 -0.47
N ARG A 195 -2.05 8.86 0.82
CA ARG A 195 -1.32 8.04 1.75
C ARG A 195 -1.52 6.52 1.58
N ARG A 196 -2.77 6.08 1.43
CA ARG A 196 -3.02 4.64 1.29
C ARG A 196 -2.50 4.08 -0.06
N PHE A 197 -2.66 4.84 -1.15
CA PHE A 197 -2.00 4.41 -2.36
C PHE A 197 -0.47 4.51 -2.30
N CYS A 198 0.08 5.55 -1.64
CA CYS A 198 1.55 5.65 -1.50
C CYS A 198 2.15 4.46 -0.76
N PHE A 199 1.45 4.01 0.29
CA PHE A 199 2.00 2.93 1.15
C PHE A 199 2.05 1.67 0.35
N LEU A 200 0.96 1.41 -0.39
CA LEU A 200 0.86 0.29 -1.29
C LEU A 200 2.01 0.31 -2.33
N VAL A 201 2.25 1.46 -2.97
CA VAL A 201 3.29 1.60 -3.97
C VAL A 201 4.73 1.33 -3.33
N GLU A 202 4.97 1.91 -2.17
CA GLU A 202 6.16 1.65 -1.35
C GLU A 202 6.37 0.19 -1.01
N LYS A 203 5.34 -0.51 -0.56
CA LYS A 203 5.55 -1.91 -0.24
C LYS A 203 5.85 -2.73 -1.50
N GLN A 204 5.21 -2.38 -2.63
CA GLN A 204 5.52 -3.02 -3.88
C GLN A 204 6.93 -2.67 -4.36
N CYS A 205 7.39 -1.43 -4.12
CA CYS A 205 8.77 -1.05 -4.56
C CYS A 205 9.82 -1.88 -3.83
N ALA A 206 9.56 -2.12 -2.55
CA ALA A 206 10.48 -2.91 -1.75
C ALA A 206 10.56 -4.40 -2.20
N VAL A 207 9.44 -5.05 -2.44
CA VAL A 207 9.50 -6.35 -3.04
C VAL A 207 10.22 -6.30 -4.41
N ALA A 208 9.97 -5.26 -5.17
CA ALA A 208 10.62 -5.11 -6.49
C ALA A 208 12.18 -5.10 -6.40
N LYS A 209 12.72 -4.35 -5.45
CA LYS A 209 14.13 -4.19 -5.33
C LYS A 209 14.69 -5.60 -5.08
N ASN A 210 14.11 -6.35 -4.17
CA ASN A 210 14.46 -7.77 -4.02
C ASN A 210 14.27 -8.67 -5.26
N SER A 211 13.24 -8.45 -6.09
CA SER A 211 13.18 -9.18 -7.37
C SER A 211 14.35 -8.84 -8.28
N ALA A 212 14.76 -7.56 -8.27
CA ALA A 212 15.92 -7.14 -9.05
C ALA A 212 17.21 -7.86 -8.57
N ALA A 213 17.46 -7.90 -7.27
CA ALA A 213 18.59 -8.64 -6.73
C ALA A 213 18.49 -10.15 -7.01
N TYR A 214 17.30 -10.72 -6.99
CA TYR A 214 17.20 -12.12 -7.39
C TYR A 214 17.49 -12.40 -8.87
N HIS A 215 16.94 -11.58 -9.78
CA HIS A 215 17.23 -11.75 -11.16
C HIS A 215 18.71 -11.45 -11.54
N SER A 216 19.28 -10.42 -10.92
CA SER A 216 20.70 -10.08 -11.12
CA SER A 216 20.70 -10.09 -11.13
C SER A 216 21.61 -11.23 -10.68
N LYS A 217 21.29 -11.84 -9.54
CA LYS A 217 22.06 -12.97 -9.06
C LYS A 217 22.03 -14.12 -10.09
N GLY A 218 20.84 -14.49 -10.54
CA GLY A 218 20.70 -15.53 -11.53
C GLY A 218 21.45 -15.30 -12.82
N LYS A 219 21.44 -14.07 -13.32
CA LYS A 219 22.14 -13.73 -14.58
C LYS A 219 23.63 -14.03 -14.49
N GLU A 220 24.22 -13.57 -13.40
CA GLU A 220 25.65 -13.60 -13.19
C GLU A 220 26.13 -15.01 -12.79
N LEU A 221 25.38 -15.73 -11.95
CA LEU A 221 25.72 -17.14 -11.71
C LEU A 221 25.72 -17.97 -13.00
N LEU A 222 24.68 -17.81 -13.81
CA LEU A 222 24.63 -18.49 -15.10
C LEU A 222 25.67 -18.01 -16.12
N ALA A 223 25.92 -16.69 -16.15
CA ALA A 223 26.88 -16.13 -17.08
C ALA A 223 28.25 -16.78 -16.84
N GLN A 224 28.54 -17.00 -15.56
CA GLN A 224 29.75 -17.64 -15.07
C GLN A 224 29.87 -19.09 -15.51
N LYS A 225 28.85 -19.90 -15.20
CA LYS A 225 28.98 -21.33 -15.35
C LYS A 225 28.46 -21.90 -16.67
N LEU A 226 27.59 -21.20 -17.36
CA LEU A 226 27.02 -21.80 -18.55
C LEU A 226 28.00 -22.20 -19.69
N PRO A 227 28.97 -21.33 -20.05
CA PRO A 227 29.86 -21.71 -21.17
C PRO A 227 30.70 -22.96 -20.90
N LEU A 228 31.17 -23.14 -19.67
CA LEU A 228 31.81 -24.40 -19.27
C LEU A 228 30.85 -25.60 -19.41
N TRP A 229 29.60 -25.42 -19.00
CA TRP A 229 28.64 -26.53 -19.17
C TRP A 229 28.38 -26.84 -20.63
N GLN A 230 28.35 -25.83 -21.47
CA GLN A 230 28.10 -26.11 -22.86
C GLN A 230 29.31 -26.80 -23.50
N GLN A 231 30.49 -26.60 -22.94
CA GLN A 231 31.74 -27.25 -23.46
C GLN A 231 31.90 -28.72 -23.11
N ALA A 232 31.28 -29.17 -22.04
CA ALA A 232 31.50 -30.52 -21.49
C ALA A 232 31.29 -31.70 -22.47
N CYS A 233 30.38 -31.55 -23.43
CA CYS A 233 30.15 -32.57 -24.46
C CYS A 233 30.36 -32.10 -25.91
N ALA A 234 31.43 -31.33 -26.11
CA ALA A 234 31.80 -30.84 -27.43
C ALA A 234 32.78 -31.83 -28.01
N ASP A 235 32.81 -31.87 -29.34
CA ASP A 235 33.76 -32.68 -30.12
C ASP A 235 35.14 -32.24 -29.74
N PRO A 236 36.02 -33.19 -29.41
CA PRO A 236 37.35 -32.68 -29.14
C PRO A 236 38.23 -32.75 -30.42
N SER A 237 37.60 -32.78 -31.61
CA SER A 237 38.27 -33.06 -32.91
C SER A 237 37.95 -32.04 -34.05
N GLY B 1 -9.15 10.58 24.15
CA GLY B 1 -8.37 9.67 23.26
C GLY B 1 -9.04 9.42 21.92
N THR B 2 -8.67 10.23 20.92
CA THR B 2 -9.25 10.07 19.60
C THR B 2 -8.43 9.00 18.87
N VAL B 3 -8.89 8.52 17.66
CA VAL B 3 -8.34 7.30 17.09
C VAL B 3 -7.16 7.65 16.20
N GLN B 4 -6.10 6.90 16.37
CA GLN B 4 -4.91 7.22 15.63
CA GLN B 4 -4.84 7.03 15.66
C GLN B 4 -5.00 6.64 14.19
N ASN B 5 -4.58 7.48 13.26
CA ASN B 5 -4.51 7.14 11.83
C ASN B 5 -3.41 6.03 11.60
N PRO B 6 -3.77 4.78 11.18
CA PRO B 6 -2.77 3.75 10.84
C PRO B 6 -1.79 4.25 9.80
N TYR B 7 -2.19 5.26 8.99
CA TYR B 7 -1.30 5.85 7.95
C TYR B 7 -0.66 7.21 8.31
N ALA B 8 -0.64 7.57 9.61
CA ALA B 8 -0.21 8.90 10.06
C ALA B 8 1.14 9.35 9.54
N ASP B 9 2.08 8.40 9.49
CA ASP B 9 3.43 8.77 9.16
C ASP B 9 3.90 8.44 7.75
N VAL B 10 2.97 8.01 6.91
CA VAL B 10 3.26 7.73 5.51
C VAL B 10 3.51 9.01 4.69
N LYS B 11 4.71 9.10 4.11
CA LYS B 11 5.10 10.21 3.21
CA LYS B 11 5.05 10.23 3.24
C LYS B 11 4.38 10.13 1.86
N THR B 12 3.99 11.29 1.30
CA THR B 12 3.23 11.34 0.03
C THR B 12 3.95 11.86 -1.20
N NH2 B 13 5.20 12.38 -0.88
S SO4 C . -25.64 16.08 6.00
O1 SO4 C . -26.88 15.36 5.69
O2 SO4 C . -26.04 17.19 6.87
O3 SO4 C . -24.67 15.24 6.69
O4 SO4 C . -24.99 16.52 4.74
#